data_1KOU
#
_entry.id   1KOU
#
_cell.length_a   40.582
_cell.length_b   40.582
_cell.length_c   117.801
_cell.angle_alpha   90.00
_cell.angle_beta   90.00
_cell.angle_gamma   120.00
#
_symmetry.space_group_name_H-M   'P 65'
#
loop_
_entity.id
_entity.type
_entity.pdbx_description
1 polymer 'PHOTOACTIVE YELLOW PROTEIN'
2 non-polymer 'CAFFEIC ACID'
3 non-polymer N-BUTANE
4 water water
#
_entity_poly.entity_id   1
_entity_poly.type   'polypeptide(L)'
_entity_poly.pdbx_seq_one_letter_code
;MEHVAFGSEDIENTLAKMDDGQLDGLAFGAIQLDGDGNILQYNAAEGDITGRDPKQVIGKNFFKDVAPCTDSPEFYGKFK
EGVASGNLNTMFEYTFDYQMTPTKVKVHMKKALSGDSYWVFVKRV
;
_entity_poly.pdbx_strand_id   A
#
loop_
_chem_comp.id
_chem_comp.type
_chem_comp.name
_chem_comp.formula
DHC non-polymer 'CAFFEIC ACID' 'C9 H8 O4'
NBU non-polymer N-BUTANE 'C4 H10'
#
# COMPACT_ATOMS: atom_id res chain seq x y z
N VAL A 4 8.63 -11.66 7.50
CA VAL A 4 7.93 -12.18 6.35
C VAL A 4 8.12 -11.40 5.06
N ALA A 5 8.02 -12.10 3.94
CA ALA A 5 8.60 -11.51 2.72
C ALA A 5 7.58 -10.91 1.77
N PHE A 6 7.96 -9.82 1.15
CA PHE A 6 7.17 -9.19 0.12
C PHE A 6 6.75 -10.27 -0.88
N GLY A 7 5.47 -10.26 -1.20
CA GLY A 7 4.91 -11.17 -2.16
C GLY A 7 4.62 -12.56 -1.67
N SER A 8 4.72 -12.80 -0.35
CA SER A 8 4.38 -14.11 0.16
C SER A 8 2.93 -14.47 -0.10
N GLU A 9 2.69 -15.75 -0.31
CA GLU A 9 1.40 -16.25 -0.76
C GLU A 9 0.33 -16.00 0.29
N ASP A 10 0.74 -15.98 1.56
CA ASP A 10 -0.27 -15.82 2.61
C ASP A 10 0.02 -14.60 3.47
N ILE A 11 0.65 -13.60 2.84
CA ILE A 11 1.04 -12.40 3.56
C ILE A 11 -0.07 -11.80 4.39
N GLU A 12 -1.31 -11.88 3.92
CA GLU A 12 -2.43 -11.25 4.61
C GLU A 12 -2.72 -11.97 5.92
N ASN A 13 -2.37 -13.25 6.02
CA ASN A 13 -2.57 -14.00 7.25
C ASN A 13 -1.62 -13.51 8.33
N THR A 14 -0.37 -13.36 7.92
CA THR A 14 0.66 -12.89 8.83
C THR A 14 0.39 -11.51 9.38
N LEU A 15 0.04 -10.64 8.44
CA LEU A 15 -0.14 -9.25 8.80
C LEU A 15 -1.43 -9.03 9.57
N ALA A 16 -2.42 -9.89 9.43
CA ALA A 16 -3.61 -9.80 10.28
C ALA A 16 -3.26 -9.91 11.75
N LYS A 17 -2.15 -10.55 12.08
CA LYS A 17 -1.80 -10.79 13.48
C LYS A 17 -1.00 -9.64 14.09
N MET A 18 -0.61 -8.64 13.29
CA MET A 18 0.41 -7.69 13.68
C MET A 18 -0.06 -6.39 14.30
N ASP A 19 0.69 -5.88 15.28
CA ASP A 19 0.39 -4.56 15.84
C ASP A 19 1.15 -3.47 15.10
N ASP A 20 1.12 -2.22 15.55
CA ASP A 20 1.79 -1.14 14.83
C ASP A 20 3.29 -1.34 14.76
N GLY A 21 3.88 -1.68 15.90
CA GLY A 21 5.31 -1.94 15.98
C GLY A 21 5.76 -3.07 15.09
N GLN A 22 4.98 -4.17 15.06
CA GLN A 22 5.33 -5.28 14.18
C GLN A 22 5.22 -4.82 12.73
N LEU A 23 4.14 -4.11 12.41
CA LEU A 23 4.01 -3.61 11.05
C LEU A 23 5.20 -2.70 10.71
N ASP A 24 5.63 -1.88 11.65
CA ASP A 24 6.79 -1.03 11.43
C ASP A 24 8.09 -1.80 11.21
N GLY A 25 8.15 -3.03 11.71
CA GLY A 25 9.32 -3.89 11.53
C GLY A 25 9.47 -4.57 10.20
N LEU A 26 8.45 -4.45 9.32
CA LEU A 26 8.49 -5.12 8.03
C LEU A 26 9.60 -4.55 7.13
N ALA A 27 10.10 -5.41 6.25
CA ALA A 27 11.15 -5.03 5.33
C ALA A 27 10.65 -4.20 4.15
N PHE A 28 9.33 -4.13 3.96
CA PHE A 28 8.66 -3.43 2.88
C PHE A 28 7.61 -2.48 3.41
N GLY A 29 7.26 -1.52 2.56
CA GLY A 29 6.16 -0.62 2.91
C GLY A 29 4.82 -1.34 2.89
N ALA A 30 3.98 -0.97 3.84
CA ALA A 30 2.67 -1.61 3.96
C ALA A 30 1.65 -0.53 4.33
N ILE A 31 0.62 -0.45 3.52
CA ILE A 31 -0.49 0.49 3.65
C ILE A 31 -1.76 -0.33 3.68
N GLN A 32 -2.67 -0.04 4.61
CA GLN A 32 -3.99 -0.66 4.58
C GLN A 32 -5.03 0.42 4.26
N LEU A 33 -5.85 0.14 3.25
CA LEU A 33 -6.87 1.03 2.78
C LEU A 33 -8.25 0.40 3.01
N ASP A 34 -9.26 1.24 3.19
CA ASP A 34 -10.65 0.77 3.06
C ASP A 34 -11.02 0.72 1.59
N GLY A 35 -12.27 0.36 1.28
CA GLY A 35 -12.63 0.18 -0.11
C GLY A 35 -12.69 1.47 -0.89
N ASP A 36 -12.79 2.59 -0.18
CA ASP A 36 -12.81 3.91 -0.77
C ASP A 36 -11.42 4.52 -0.90
N GLY A 37 -10.40 3.82 -0.42
CA GLY A 37 -9.06 4.32 -0.50
C GLY A 37 -8.61 5.17 0.67
N ASN A 38 -9.35 5.22 1.76
CA ASN A 38 -8.90 5.93 2.96
C ASN A 38 -7.85 5.09 3.70
N ILE A 39 -6.83 5.78 4.20
CA ILE A 39 -5.73 5.09 4.83
C ILE A 39 -6.03 4.70 6.27
N LEU A 40 -6.02 3.40 6.54
CA LEU A 40 -6.22 2.79 7.84
C LEU A 40 -4.93 2.54 8.59
N GLN A 41 -3.90 2.07 7.91
CA GLN A 41 -2.57 1.82 8.48
C GLN A 41 -1.52 2.23 7.45
N TYR A 42 -0.36 2.63 7.93
CA TYR A 42 0.74 3.09 7.11
C TYR A 42 2.01 2.87 7.91
N ASN A 43 2.93 2.04 7.43
CA ASN A 43 4.06 1.69 8.28
C ASN A 43 5.29 2.56 8.07
N ALA A 44 6.24 2.34 8.98
CA ALA A 44 7.47 3.13 8.96
C ALA A 44 8.27 2.92 7.70
N ALA A 45 8.30 1.68 7.16
CA ALA A 45 9.06 1.40 5.97
C ALA A 45 8.52 2.15 4.75
N GLU A 46 7.21 2.36 4.71
CA GLU A 46 6.61 3.14 3.64
C GLU A 46 7.04 4.58 3.72
N GLY A 47 6.94 5.14 4.92
CA GLY A 47 7.39 6.52 5.13
C GLY A 47 8.86 6.71 4.75
N ASP A 48 9.69 5.68 4.93
CA ASP A 48 11.09 5.79 4.55
C ASP A 48 11.26 5.89 3.05
N ILE A 49 10.36 5.33 2.27
CA ILE A 49 10.38 5.46 0.82
C ILE A 49 9.82 6.80 0.38
N THR A 50 8.78 7.29 1.03
CA THR A 50 8.00 8.37 0.42
C THR A 50 8.14 9.72 1.12
N GLY A 51 8.71 9.71 2.31
CA GLY A 51 8.88 10.90 3.11
C GLY A 51 7.63 11.48 3.73
N ARG A 52 6.61 10.71 3.93
CA ARG A 52 5.34 10.93 4.52
C ARG A 52 5.45 10.44 5.96
N ASP A 53 4.99 11.26 6.89
CA ASP A 53 4.96 10.86 8.27
C ASP A 53 3.77 9.90 8.44
N PRO A 54 4.03 8.66 8.83
CA PRO A 54 2.95 7.68 8.96
C PRO A 54 1.86 8.11 9.93
N LYS A 55 2.22 8.88 10.94
CA LYS A 55 1.18 9.29 11.88
C LYS A 55 0.19 10.27 11.26
N GLN A 56 0.63 11.09 10.31
CA GLN A 56 -0.27 12.12 9.80
C GLN A 56 -1.00 11.79 8.52
N VAL A 57 -0.67 10.70 7.84
CA VAL A 57 -1.43 10.27 6.68
C VAL A 57 -2.64 9.41 7.03
N ILE A 58 -2.72 8.89 8.26
CA ILE A 58 -3.88 8.06 8.62
C ILE A 58 -5.17 8.90 8.46
N GLY A 59 -6.12 8.34 7.75
CA GLY A 59 -7.42 8.95 7.51
C GLY A 59 -7.53 9.67 6.19
N LYS A 60 -6.40 9.96 5.57
CA LYS A 60 -6.44 10.67 4.29
C LYS A 60 -6.80 9.72 3.16
N ASN A 61 -7.20 10.33 2.05
CA ASN A 61 -7.51 9.52 0.89
C ASN A 61 -6.30 9.33 0.00
N PHE A 62 -5.93 8.06 -0.14
CA PHE A 62 -4.69 7.73 -0.85
C PHE A 62 -4.74 8.21 -2.29
N PHE A 63 -5.82 7.91 -3.04
CA PHE A 63 -5.88 8.15 -4.45
C PHE A 63 -6.14 9.59 -4.85
N LYS A 64 -6.86 10.31 -3.98
CA LYS A 64 -7.21 11.68 -4.23
C LYS A 64 -6.13 12.65 -3.79
N ASP A 65 -5.58 12.42 -2.60
CA ASP A 65 -4.81 13.44 -1.91
C ASP A 65 -3.35 13.03 -1.75
N VAL A 66 -3.06 11.82 -1.28
CA VAL A 66 -1.71 11.47 -0.92
C VAL A 66 -0.86 11.12 -2.14
N ALA A 67 -1.42 10.33 -3.01
CA ALA A 67 -0.73 9.63 -4.09
C ALA A 67 -1.43 9.82 -5.43
N PRO A 68 -1.52 11.06 -5.92
CA PRO A 68 -2.27 11.33 -7.15
C PRO A 68 -1.70 10.58 -8.33
N CYS A 69 -0.39 10.30 -8.32
CA CYS A 69 0.22 9.61 -9.42
C CYS A 69 -0.32 8.20 -9.57
N THR A 70 -0.96 7.66 -8.54
CA THR A 70 -1.51 6.32 -8.57
C THR A 70 -2.96 6.32 -9.04
N ASP A 71 -3.51 7.48 -9.29
CA ASP A 71 -4.86 7.64 -9.80
C ASP A 71 -4.80 7.45 -11.30
N SER A 72 -4.84 6.18 -11.70
CA SER A 72 -4.68 5.75 -13.08
C SER A 72 -5.33 4.38 -13.22
N PRO A 73 -5.61 3.95 -14.44
CA PRO A 73 -6.12 2.58 -14.61
C PRO A 73 -5.15 1.52 -14.12
N GLU A 74 -3.88 1.78 -14.21
CA GLU A 74 -2.81 0.84 -13.90
C GLU A 74 -2.67 0.58 -12.41
N PHE A 75 -3.18 1.45 -11.55
CA PHE A 75 -3.03 1.31 -10.11
C PHE A 75 -4.43 1.40 -9.51
N TYR A 76 -4.96 2.60 -9.32
CA TYR A 76 -6.30 2.79 -8.77
C TYR A 76 -7.32 1.94 -9.51
N GLY A 77 -7.25 1.85 -10.84
CA GLY A 77 -8.23 1.05 -11.58
C GLY A 77 -8.16 -0.41 -11.15
N LYS A 78 -6.96 -0.96 -10.99
CA LYS A 78 -6.77 -2.35 -10.53
C LYS A 78 -7.28 -2.49 -9.08
N PHE A 79 -7.11 -1.48 -8.25
CA PHE A 79 -7.64 -1.51 -6.89
C PHE A 79 -9.17 -1.59 -6.92
N LYS A 80 -9.80 -0.68 -7.64
CA LYS A 80 -11.28 -0.66 -7.67
C LYS A 80 -11.84 -1.97 -8.23
N GLU A 81 -11.14 -2.53 -9.21
CA GLU A 81 -11.58 -3.79 -9.83
C GLU A 81 -11.54 -4.92 -8.82
N GLY A 82 -10.48 -4.96 -8.02
CA GLY A 82 -10.35 -5.99 -7.00
C GLY A 82 -11.28 -5.83 -5.83
N VAL A 83 -11.49 -4.57 -5.40
CA VAL A 83 -12.48 -4.37 -4.34
C VAL A 83 -13.82 -4.92 -4.81
N ALA A 84 -14.24 -4.55 -6.02
CA ALA A 84 -15.54 -5.01 -6.53
C ALA A 84 -15.62 -6.52 -6.77
N SER A 85 -14.57 -7.09 -7.33
CA SER A 85 -14.68 -8.51 -7.68
C SER A 85 -14.45 -9.34 -6.43
N GLY A 86 -13.89 -8.76 -5.38
CA GLY A 86 -13.60 -9.48 -4.17
C GLY A 86 -12.34 -10.31 -4.13
N ASN A 87 -11.46 -10.28 -5.12
CA ASN A 87 -10.32 -11.18 -5.19
C ASN A 87 -9.05 -10.40 -5.53
N LEU A 88 -8.81 -9.28 -4.85
CA LEU A 88 -7.67 -8.42 -5.15
C LEU A 88 -6.37 -9.13 -4.79
N ASN A 89 -5.51 -9.34 -5.79
CA ASN A 89 -4.21 -9.93 -5.55
C ASN A 89 -3.36 -9.72 -6.79
N THR A 90 -2.63 -8.61 -6.85
CA THR A 90 -2.01 -8.25 -8.13
C THR A 90 -0.68 -7.54 -7.84
N MET A 91 0.28 -7.79 -8.73
CA MET A 91 1.61 -7.22 -8.57
C MET A 91 2.08 -6.54 -9.85
N PHE A 92 2.70 -5.38 -9.69
CA PHE A 92 3.10 -4.56 -10.83
C PHE A 92 4.18 -3.55 -10.44
N GLU A 93 4.93 -3.08 -11.43
CA GLU A 93 5.89 -2.01 -11.22
C GLU A 93 5.21 -0.66 -11.39
N TYR A 94 5.75 0.33 -10.71
CA TYR A 94 5.19 1.67 -10.74
C TYR A 94 6.30 2.66 -10.39
N THR A 95 6.05 3.94 -10.69
CA THR A 95 6.92 5.01 -10.26
C THR A 95 6.13 6.00 -9.39
N PHE A 96 6.67 6.29 -8.22
CA PHE A 96 6.08 7.29 -7.31
C PHE A 96 6.81 8.60 -7.43
N ASP A 97 6.13 9.70 -7.74
CA ASP A 97 6.82 10.95 -8.07
C ASP A 97 6.10 12.20 -7.64
N TYR A 98 5.12 12.12 -6.74
CA TYR A 98 4.46 13.31 -6.27
C TYR A 98 5.09 13.76 -4.94
N GLN A 99 5.65 14.96 -5.00
CA GLN A 99 6.30 15.56 -3.84
C GLN A 99 7.33 14.60 -3.23
N MET A 100 8.06 13.95 -4.13
CA MET A 100 9.19 13.08 -3.79
C MET A 100 10.06 12.94 -5.03
N THR A 101 11.33 12.63 -4.83
CA THR A 101 12.18 12.19 -5.93
C THR A 101 11.49 11.02 -6.63
N PRO A 102 11.44 11.05 -7.96
CA PRO A 102 10.81 9.91 -8.64
C PRO A 102 11.51 8.60 -8.25
N THR A 103 10.72 7.64 -7.79
CA THR A 103 11.20 6.39 -7.21
C THR A 103 10.52 5.17 -7.80
N LYS A 104 11.29 4.29 -8.42
CA LYS A 104 10.71 3.07 -9.00
C LYS A 104 10.44 2.09 -7.85
N VAL A 105 9.28 1.46 -7.92
CA VAL A 105 8.85 0.51 -6.92
C VAL A 105 8.17 -0.70 -7.59
N LYS A 106 8.02 -1.75 -6.79
CA LYS A 106 7.14 -2.87 -7.09
C LYS A 106 6.02 -2.81 -6.04
N VAL A 107 4.81 -3.00 -6.53
CA VAL A 107 3.61 -2.91 -5.73
C VAL A 107 2.92 -4.27 -5.72
N HIS A 108 2.42 -4.67 -4.57
CA HIS A 108 1.58 -5.85 -4.44
C HIS A 108 0.32 -5.41 -3.68
N MET A 109 -0.83 -5.49 -4.32
CA MET A 109 -2.09 -5.19 -3.68
C MET A 109 -2.80 -6.51 -3.35
N LYS A 110 -3.30 -6.64 -2.15
CA LYS A 110 -3.92 -7.89 -1.73
C LYS A 110 -5.04 -7.59 -0.74
N LYS A 111 -6.19 -8.23 -0.95
CA LYS A 111 -7.26 -8.13 0.03
C LYS A 111 -6.77 -8.56 1.42
N ALA A 112 -7.18 -7.81 2.44
CA ALA A 112 -6.87 -8.24 3.81
C ALA A 112 -7.80 -9.40 4.16
N LEU A 113 -7.34 -10.15 5.12
CA LEU A 113 -7.83 -11.49 5.41
C LEU A 113 -9.35 -11.40 5.59
C ASP A 116 -12.22 -4.01 4.05
N SER A 117 -11.03 -4.56 3.82
CA SER A 117 -9.82 -3.75 3.80
C SER A 117 -8.77 -4.44 2.94
N TYR A 118 -7.91 -3.59 2.41
CA TYR A 118 -7.07 -3.89 1.25
C TYR A 118 -5.65 -3.42 1.57
N TRP A 119 -4.68 -4.28 1.32
CA TRP A 119 -3.27 -3.91 1.51
C TRP A 119 -2.66 -3.42 0.21
N VAL A 120 -1.79 -2.44 0.34
CA VAL A 120 -0.88 -2.01 -0.70
C VAL A 120 0.53 -2.14 -0.12
N PHE A 121 1.30 -3.05 -0.69
CA PHE A 121 2.67 -3.30 -0.28
C PHE A 121 3.62 -2.76 -1.33
N VAL A 122 4.75 -2.22 -0.88
CA VAL A 122 5.65 -1.46 -1.74
C VAL A 122 7.08 -1.83 -1.39
N LYS A 123 7.92 -2.06 -2.38
CA LYS A 123 9.35 -2.12 -2.14
C LYS A 123 10.06 -1.44 -3.29
N ARG A 124 11.23 -0.93 -2.98
CA ARG A 124 12.09 -0.29 -3.99
C ARG A 124 12.58 -1.32 -5.00
N VAL A 125 12.78 -0.85 -6.23
CA VAL A 125 13.40 -1.67 -7.28
C VAL A 125 14.58 -0.97 -7.92
C1 DHC B . 2.29 9.24 -6.63
O1 DHC B . 1.73 10.33 -6.52
C2 DHC B . 2.65 8.39 -5.47
C3 DHC B . 2.69 8.87 -4.27
C1' DHC B . 2.79 8.12 -3.01
C1' DHC B . 2.66 7.97 -3.10
C2' DHC B . 2.86 8.78 -1.79
C2' DHC B . 2.63 6.60 -3.20
C3' DHC B . 2.97 8.07 -0.58
C3' DHC B . 2.53 5.81 -2.06
C4' DHC B . 2.91 6.67 -0.58
C4' DHC B . 2.62 6.40 -0.80
C5' DHC B . 2.84 6.01 -1.82
C5' DHC B . 2.62 7.79 -0.70
C6' DHC B . 2.87 6.75 -3.00
C6' DHC B . 2.68 8.57 -1.85
O4' DHC B . 2.99 5.94 0.46
O4' DHC B . 2.61 5.69 0.23
O3' DHC B . 2.84 8.69 0.52
O3' DHC B . 2.40 4.58 -2.11
C1 NBU C . -8.71 -8.17 -8.81
C2 NBU C . -9.76 -7.90 -9.91
C3 NBU C . -10.36 -9.30 -10.13
C4 NBU C . -9.61 -10.29 -9.21
#